data_4F9U
#
_entry.id   4F9U
#
_cell.length_a   60.665
_cell.length_b   56.964
_cell.length_c   95.669
_cell.angle_alpha   90.00
_cell.angle_beta   108.16
_cell.angle_gamma   90.00
#
_symmetry.space_group_name_H-M   'P 1 21 1'
#
loop_
_entity.id
_entity.type
_entity.pdbx_description
1 polymer CG32412
2 branched 2-acetamido-2-deoxy-beta-D-glucopyranose-(1-4)-2-acetamido-2-deoxy-beta-D-glucopyranose
3 branched alpha-D-mannopyranose-(1-2)-alpha-D-mannopyranose-(1-6)-[alpha-D-mannopyranose-(1-3)]alpha-D-mannopyranose-(1-6)-beta-D-mannopyranose-(1-4)-2-acetamido-2-deoxy-beta-D-glucopyranose-(1-4)-2-acetamido-2-deoxy-beta-D-glucopyranose
4 non-polymer 'ZINC ION'
5 non-polymer 1-(3,4-dimethoxyphenyl)-3-[3-(1H-imidazol-1-yl)propyl]thiourea
6 non-polymer GLYCEROL
7 water water
#
_entity_poly.entity_id   1
_entity_poly.type   'polypeptide(L)'
_entity_poly.pdbx_seq_one_letter_code
;NIGSQWRDDEVHFNRTLDSILVPRVVGSRGHQQVREYLVQSLNGLGFQTEVDEFKQRVPVFGELTFANVVGTINPQAQNF
LALACHYDSKYFPNDPGFVGATDSAVPCAILLNTAKTLGAYLQKEFRNRSDVGLMLIFFDGEEAFKEWTDADSVYGSKHL
AAKLASKRSGSQAQLAPRNIDRIEVLVLLDLIGARNPKFSSFYENTDGLHSSLVQIEKSLRTAGQLEGNNNMFLSRVSGG
LVDDDHRPFLDENVPVLHLVATPFPDVWHTPRDNAANLHWPSIRNFNRVFRNFVYQYLKRHTSPVNLRFYRT
;
_entity_poly.pdbx_strand_id   A,B
#
# COMPACT_ATOMS: atom_id res chain seq x y z
N GLN A 5 -6.26 -2.53 -18.60
CA GLN A 5 -5.25 -1.46 -18.29
C GLN A 5 -5.18 -1.12 -16.78
N TRP A 6 -6.30 -1.26 -16.06
CA TRP A 6 -6.31 -0.94 -14.64
C TRP A 6 -5.71 -2.07 -13.84
N ARG A 7 -4.62 -1.78 -13.16
CA ARG A 7 -3.90 -2.79 -12.37
C ARG A 7 -4.58 -3.07 -11.02
N ASP A 8 -4.37 -4.28 -10.52
CA ASP A 8 -4.72 -4.64 -9.13
C ASP A 8 -3.99 -3.75 -8.14
N ASP A 9 -4.58 -3.54 -6.96
CA ASP A 9 -3.84 -3.09 -5.76
C ASP A 9 -4.24 -3.93 -4.55
N GLU A 10 -3.67 -5.12 -4.49
CA GLU A 10 -4.04 -6.04 -3.44
C GLU A 10 -3.50 -5.67 -2.06
N VAL A 11 -2.37 -4.96 -2.02
CA VAL A 11 -1.85 -4.44 -0.75
C VAL A 11 -2.89 -3.51 -0.12
N HIS A 12 -3.41 -2.59 -0.92
CA HIS A 12 -4.44 -1.70 -0.46
C HIS A 12 -5.67 -2.43 -0.01
N PHE A 13 -6.09 -3.45 -0.78
CA PHE A 13 -7.25 -4.23 -0.46
C PHE A 13 -7.12 -4.98 0.87
N ASN A 14 -5.99 -5.66 1.03
CA ASN A 14 -5.71 -6.41 2.24
C ASN A 14 -5.71 -5.51 3.46
N ARG A 15 -5.07 -4.37 3.36
CA ARG A 15 -4.89 -3.51 4.52
C ARG A 15 -6.20 -2.82 4.86
N THR A 16 -6.95 -2.49 3.83
CA THR A 16 -8.32 -2.04 4.02
C THR A 16 -9.21 -3.08 4.71
N LEU A 17 -9.19 -4.29 4.20
CA LEU A 17 -9.98 -5.37 4.82
C LEU A 17 -9.59 -5.59 6.30
N ASP A 18 -8.28 -5.62 6.60
CA ASP A 18 -7.82 -5.75 7.99
C ASP A 18 -8.39 -4.64 8.88
N SER A 19 -8.46 -3.43 8.35
CA SER A 19 -9.00 -2.33 9.13
C SER A 19 -10.50 -2.43 9.41
N ILE A 20 -11.24 -3.15 8.57
CA ILE A 20 -12.70 -3.21 8.69
C ILE A 20 -13.13 -4.46 9.42
N LEU A 21 -12.27 -5.49 9.37
CA LEU A 21 -12.65 -6.83 9.78
C LEU A 21 -12.48 -6.97 11.29
N VAL A 22 -13.38 -6.30 12.00
CA VAL A 22 -13.43 -6.28 13.45
C VAL A 22 -14.92 -6.37 13.90
N PRO A 23 -15.20 -6.99 15.07
CA PRO A 23 -16.57 -6.95 15.55
C PRO A 23 -17.08 -5.51 15.56
N ARG A 24 -18.24 -5.28 14.95
CA ARG A 24 -18.73 -3.92 14.72
C ARG A 24 -20.27 -3.86 14.72
N VAL A 25 -20.83 -4.37 15.80
CA VAL A 25 -22.26 -4.21 16.07
C VAL A 25 -22.50 -2.73 16.32
N VAL A 26 -23.66 -2.20 15.87
CA VAL A 26 -23.95 -0.79 16.06
C VAL A 26 -23.86 -0.47 17.56
N GLY A 27 -23.18 0.61 17.90
CA GLY A 27 -22.94 1.02 19.29
C GLY A 27 -21.66 0.50 19.92
N SER A 28 -21.00 -0.46 19.29
CA SER A 28 -19.74 -1.04 19.80
C SER A 28 -18.55 -0.15 19.48
N ARG A 29 -17.42 -0.46 20.11
CA ARG A 29 -16.20 0.32 19.94
C ARG A 29 -15.66 0.13 18.52
N GLY A 30 -15.70 -1.10 18.07
CA GLY A 30 -15.26 -1.49 16.75
C GLY A 30 -16.09 -0.81 15.67
N HIS A 31 -17.39 -0.72 15.87
CA HIS A 31 -18.26 0.03 14.96
C HIS A 31 -17.87 1.47 14.86
N GLN A 32 -17.56 2.09 16.00
CA GLN A 32 -17.04 3.47 15.99
C GLN A 32 -15.72 3.61 15.24
N GLN A 33 -14.80 2.68 15.48
CA GLN A 33 -13.49 2.70 14.82
C GLN A 33 -13.66 2.52 13.29
N VAL A 34 -14.54 1.59 12.90
CA VAL A 34 -14.79 1.36 11.46
C VAL A 34 -15.43 2.59 10.80
N ARG A 35 -16.42 3.19 11.44
CA ARG A 35 -17.01 4.44 10.95
C ARG A 35 -15.94 5.48 10.67
N GLU A 36 -15.06 5.67 11.66
CA GLU A 36 -14.01 6.69 11.56
C GLU A 36 -13.04 6.31 10.44
N TYR A 37 -12.71 5.02 10.35
CA TYR A 37 -11.84 4.52 9.30
C TYR A 37 -12.45 4.76 7.89
N LEU A 38 -13.76 4.51 7.75
CA LEU A 38 -14.44 4.73 6.47
C LEU A 38 -14.35 6.21 6.06
N VAL A 39 -14.60 7.10 7.01
CA VAL A 39 -14.63 8.54 6.74
C VAL A 39 -13.23 9.01 6.32
N GLN A 40 -12.23 8.57 7.06
CA GLN A 40 -10.84 8.91 6.78
C GLN A 40 -10.42 8.35 5.42
N SER A 41 -10.85 7.13 5.15
CA SER A 41 -10.47 6.48 3.91
C SER A 41 -11.06 7.21 2.69
N LEU A 42 -12.35 7.52 2.78
CA LEU A 42 -13.04 8.27 1.72
C LEU A 42 -12.38 9.63 1.47
N ASN A 43 -12.11 10.35 2.53
CA ASN A 43 -11.43 11.63 2.40
C ASN A 43 -10.11 11.49 1.66
N GLY A 44 -9.31 10.51 2.04
CA GLY A 44 -8.02 10.28 1.39
C GLY A 44 -8.10 9.76 -0.04
N LEU A 45 -9.26 9.24 -0.45
CA LEU A 45 -9.49 8.75 -1.83
C LEU A 45 -10.09 9.86 -2.72
N GLY A 46 -10.20 11.06 -2.16
CA GLY A 46 -10.74 12.23 -2.86
C GLY A 46 -12.21 12.52 -2.79
N PHE A 47 -12.95 11.80 -1.94
CA PHE A 47 -14.39 12.00 -1.83
C PHE A 47 -14.76 13.15 -0.91
N GLN A 48 -15.84 13.85 -1.25
CA GLN A 48 -16.56 14.69 -0.30
C GLN A 48 -17.34 13.76 0.59
N THR A 49 -17.08 13.82 1.88
CA THR A 49 -17.62 12.83 2.77
C THR A 49 -18.67 13.47 3.67
N GLU A 50 -19.76 12.74 3.88
CA GLU A 50 -20.86 13.18 4.74
C GLU A 50 -21.24 12.01 5.63
N VAL A 51 -21.66 12.29 6.86
CA VAL A 51 -22.23 11.26 7.72
C VAL A 51 -23.65 11.59 8.06
N ASP A 52 -24.53 10.62 7.86
CA ASP A 52 -25.94 10.76 8.18
C ASP A 52 -26.16 10.01 9.50
N GLU A 53 -26.09 10.76 10.60
CA GLU A 53 -26.17 10.22 11.94
C GLU A 53 -27.56 10.44 12.55
N PHE A 54 -28.08 9.43 13.22
CA PHE A 54 -29.42 9.50 13.80
C PHE A 54 -29.59 8.47 14.94
N LYS A 55 -30.57 8.72 15.82
CA LYS A 55 -30.94 7.80 16.91
C LYS A 55 -32.24 7.05 16.62
N GLN A 56 -32.33 5.81 17.06
CA GLN A 56 -33.50 5.01 16.85
C GLN A 56 -33.54 3.89 17.85
N ARG A 57 -34.75 3.56 18.30
CA ARG A 57 -34.91 2.51 19.29
C ARG A 57 -35.08 1.19 18.57
N VAL A 58 -34.30 0.18 19.00
CA VAL A 58 -34.35 -1.12 18.37
C VAL A 58 -34.60 -2.18 19.42
N PRO A 59 -34.97 -3.40 18.99
CA PRO A 59 -35.08 -4.48 19.96
C PRO A 59 -33.75 -4.77 20.65
N VAL A 60 -33.86 -5.26 21.88
CA VAL A 60 -32.74 -5.67 22.73
C VAL A 60 -32.01 -4.51 23.40
N PHE A 61 -31.51 -3.57 22.60
CA PHE A 61 -30.65 -2.50 23.08
C PHE A 61 -31.30 -1.16 23.36
N GLY A 62 -32.55 -0.95 22.95
CA GLY A 62 -33.16 0.35 23.10
C GLY A 62 -32.58 1.32 22.10
N GLU A 63 -32.35 2.57 22.52
CA GLU A 63 -31.91 3.62 21.61
C GLU A 63 -30.43 3.47 21.24
N LEU A 64 -30.13 3.47 19.93
CA LEU A 64 -28.78 3.41 19.44
C LEU A 64 -28.53 4.56 18.45
N THR A 65 -27.27 4.92 18.31
CA THR A 65 -26.89 5.95 17.36
C THR A 65 -26.32 5.26 16.10
N PHE A 66 -26.98 5.49 14.98
CA PHE A 66 -26.56 4.95 13.68
C PHE A 66 -25.90 6.06 12.90
N ALA A 67 -24.99 5.71 11.99
CA ALA A 67 -24.41 6.69 11.08
C ALA A 67 -24.10 6.07 9.74
N ASN A 68 -24.86 6.45 8.70
CA ASN A 68 -24.46 6.09 7.33
C ASN A 68 -23.29 6.98 6.93
N VAL A 69 -22.36 6.42 6.16
CA VAL A 69 -21.25 7.18 5.63
C VAL A 69 -21.36 7.23 4.12
N VAL A 70 -21.31 8.44 3.57
CA VAL A 70 -21.47 8.61 2.12
C VAL A 70 -20.34 9.45 1.60
N GLY A 71 -19.67 8.96 0.55
CA GLY A 71 -18.63 9.73 -0.14
C GLY A 71 -19.11 10.04 -1.55
N THR A 72 -18.84 11.25 -2.05
CA THR A 72 -19.26 11.66 -3.38
C THR A 72 -18.12 12.38 -4.08
N ILE A 73 -17.91 12.05 -5.34
CA ILE A 73 -17.06 12.82 -6.23
C ILE A 73 -17.98 13.44 -7.28
N ASN A 74 -17.87 14.77 -7.47
CA ASN A 74 -18.73 15.58 -8.34
C ASN A 74 -20.13 15.72 -7.72
N PRO A 75 -20.21 16.31 -6.50
CA PRO A 75 -21.49 16.40 -5.81
C PRO A 75 -22.55 17.29 -6.49
N GLN A 76 -22.14 18.18 -7.39
CA GLN A 76 -23.07 19.02 -8.15
C GLN A 76 -23.37 18.44 -9.52
N ALA A 77 -22.91 17.22 -9.82
CA ALA A 77 -23.32 16.55 -11.06
C ALA A 77 -24.85 16.35 -11.17
N GLN A 78 -25.33 16.23 -12.40
CA GLN A 78 -26.77 16.02 -12.63
C GLN A 78 -27.28 14.68 -12.14
N ASN A 79 -26.45 13.63 -12.28
CA ASN A 79 -26.84 12.26 -11.92
C ASN A 79 -25.67 11.49 -11.30
N PHE A 80 -25.95 10.36 -10.67
CA PHE A 80 -24.94 9.60 -9.96
C PHE A 80 -25.05 8.09 -10.16
N LEU A 81 -23.90 7.46 -10.29
CA LEU A 81 -23.78 6.03 -10.09
C LEU A 81 -23.57 5.83 -8.59
N ALA A 82 -24.37 4.99 -7.93
CA ALA A 82 -24.16 4.77 -6.49
C ALA A 82 -23.83 3.31 -6.21
N LEU A 83 -22.73 3.10 -5.50
CA LEU A 83 -22.19 1.80 -5.13
C LEU A 83 -22.28 1.68 -3.59
N ALA A 84 -22.79 0.56 -3.08
CA ALA A 84 -23.15 0.45 -1.67
C ALA A 84 -22.78 -0.92 -1.05
N CYS A 85 -22.62 -0.91 0.28
CA CYS A 85 -22.47 -2.11 1.12
C CYS A 85 -23.01 -1.73 2.53
N HIS A 86 -23.09 -2.66 3.47
CA HIS A 86 -23.34 -2.28 4.88
C HIS A 86 -22.07 -2.51 5.66
N TYR A 87 -21.78 -1.61 6.62
CA TYR A 87 -20.54 -1.71 7.40
C TYR A 87 -20.69 -2.28 8.83
N ASP A 88 -21.94 -2.37 9.32
CA ASP A 88 -22.28 -3.00 10.62
C ASP A 88 -22.16 -4.49 10.50
N SER A 89 -21.87 -5.16 11.63
CA SER A 89 -21.93 -6.60 11.71
C SER A 89 -23.07 -7.00 12.62
N LYS A 90 -23.56 -8.19 12.42
CA LYS A 90 -24.69 -8.76 13.14
C LYS A 90 -24.36 -9.11 14.60
N TYR A 91 -25.25 -8.70 15.49
CA TYR A 91 -25.18 -9.04 16.89
C TYR A 91 -25.54 -10.49 17.08
N PHE A 92 -24.65 -11.27 17.71
CA PHE A 92 -24.94 -12.66 18.08
C PHE A 92 -24.61 -12.84 19.57
N PRO A 93 -25.62 -13.05 20.44
CA PRO A 93 -25.38 -13.37 21.86
C PRO A 93 -24.25 -14.37 22.10
N ASN A 94 -24.26 -15.47 21.36
CA ASN A 94 -23.30 -16.56 21.54
C ASN A 94 -22.08 -16.46 20.64
N ASP A 95 -21.93 -15.34 19.93
CA ASP A 95 -20.76 -15.14 19.06
C ASP A 95 -20.38 -13.67 19.02
N PRO A 96 -19.88 -13.14 20.15
CA PRO A 96 -19.49 -11.73 20.20
C PRO A 96 -18.32 -11.35 19.30
N GLY A 97 -17.55 -12.35 18.86
CA GLY A 97 -16.39 -12.12 17.98
C GLY A 97 -16.74 -12.14 16.51
N PHE A 98 -18.01 -12.35 16.17
CA PHE A 98 -18.45 -12.37 14.75
C PHE A 98 -17.95 -11.15 13.99
N VAL A 99 -17.29 -11.40 12.87
CA VAL A 99 -16.76 -10.32 12.06
C VAL A 99 -17.40 -10.20 10.66
N GLY A 100 -18.31 -11.10 10.28
CA GLY A 100 -18.99 -10.97 8.97
C GLY A 100 -18.04 -10.55 7.84
N ALA A 101 -17.07 -11.41 7.60
CA ALA A 101 -16.07 -11.27 6.55
C ALA A 101 -16.76 -11.02 5.17
N THR A 102 -17.70 -11.87 4.80
CA THR A 102 -18.41 -11.73 3.52
C THR A 102 -19.58 -10.76 3.63
N ASP A 103 -19.90 -10.40 4.88
CA ASP A 103 -21.19 -9.83 5.24
C ASP A 103 -20.98 -8.66 6.23
N SER A 104 -20.41 -7.53 5.79
CA SER A 104 -20.01 -7.25 4.42
C SER A 104 -18.68 -6.50 4.43
N ALA A 105 -17.73 -7.00 5.23
CA ALA A 105 -16.38 -6.39 5.30
C ALA A 105 -15.72 -6.36 3.91
N VAL A 106 -15.79 -7.49 3.20
CA VAL A 106 -15.20 -7.62 1.87
C VAL A 106 -15.89 -6.67 0.85
N PRO A 107 -17.22 -6.72 0.76
CA PRO A 107 -17.93 -5.72 -0.01
C PRO A 107 -17.49 -4.28 0.27
N CYS A 108 -17.40 -3.88 1.52
CA CYS A 108 -16.93 -2.52 1.82
C CYS A 108 -15.49 -2.29 1.40
N ALA A 109 -14.61 -3.26 1.66
CA ALA A 109 -13.23 -3.17 1.17
C ALA A 109 -13.15 -3.03 -0.36
N ILE A 110 -14.03 -3.75 -1.06
CA ILE A 110 -14.12 -3.69 -2.53
C ILE A 110 -14.44 -2.31 -3.01
N LEU A 111 -15.42 -1.64 -2.40
CA LEU A 111 -15.75 -0.27 -2.85
C LEU A 111 -14.57 0.67 -2.67
N LEU A 112 -13.95 0.63 -1.50
CA LEU A 112 -12.76 1.48 -1.26
C LEU A 112 -11.62 1.15 -2.23
N ASN A 113 -11.36 -0.13 -2.44
CA ASN A 113 -10.30 -0.57 -3.35
C ASN A 113 -10.62 -0.22 -4.83
N THR A 114 -11.90 -0.17 -5.18
CA THR A 114 -12.30 0.28 -6.52
C THR A 114 -11.91 1.75 -6.69
N ALA A 115 -12.24 2.56 -5.71
CA ALA A 115 -11.84 3.95 -5.69
C ALA A 115 -10.32 4.09 -5.76
N LYS A 116 -9.58 3.22 -5.07
CA LYS A 116 -8.10 3.27 -5.09
C LYS A 116 -7.56 2.94 -6.48
N THR A 117 -8.00 1.83 -7.03
CA THR A 117 -7.43 1.35 -8.30
C THR A 117 -7.78 2.24 -9.51
N LEU A 118 -8.92 2.92 -9.46
CA LEU A 118 -9.31 3.88 -10.50
C LEU A 118 -8.96 5.31 -10.09
N GLY A 119 -8.15 5.48 -9.05
CA GLY A 119 -7.85 6.84 -8.54
C GLY A 119 -7.27 7.78 -9.55
N ALA A 120 -6.40 7.27 -10.42
CA ALA A 120 -5.82 8.07 -11.49
C ALA A 120 -6.90 8.67 -12.39
N TYR A 121 -8.03 7.99 -12.54
CA TYR A 121 -9.15 8.59 -13.30
C TYR A 121 -10.08 9.43 -12.42
N LEU A 122 -10.51 8.88 -11.28
CA LEU A 122 -11.55 9.47 -10.42
C LEU A 122 -11.11 10.83 -9.85
N GLN A 123 -9.83 10.92 -9.50
CA GLN A 123 -9.33 12.11 -8.84
C GLN A 123 -8.84 13.17 -9.84
N LYS A 124 -8.80 12.82 -11.12
CA LYS A 124 -8.35 13.73 -12.19
C LYS A 124 -9.42 14.01 -13.28
N GLU A 125 -9.29 13.41 -14.46
CA GLU A 125 -10.21 13.61 -15.61
C GLU A 125 -11.70 13.53 -15.26
N PHE A 126 -12.05 12.63 -14.34
CA PHE A 126 -13.44 12.42 -13.93
C PHE A 126 -14.06 13.65 -13.26
N ARG A 127 -13.23 14.43 -12.57
CA ARG A 127 -13.69 15.68 -11.92
C ARG A 127 -14.11 16.78 -12.91
N ASN A 128 -13.65 16.69 -14.15
CA ASN A 128 -13.92 17.71 -15.17
C ASN A 128 -15.18 17.47 -15.98
N ARG A 129 -16.28 17.26 -15.29
CA ARG A 129 -17.57 17.04 -15.94
C ARG A 129 -18.68 17.35 -14.99
N SER A 130 -19.88 17.56 -15.52
CA SER A 130 -21.05 17.86 -14.71
C SER A 130 -22.21 16.88 -14.89
N ASP A 131 -22.04 15.87 -15.74
CA ASP A 131 -23.12 14.95 -16.11
C ASP A 131 -23.27 13.82 -15.14
N VAL A 132 -22.15 13.31 -14.61
CA VAL A 132 -22.22 12.20 -13.65
C VAL A 132 -21.21 12.38 -12.53
N GLY A 133 -21.59 11.89 -11.37
CA GLY A 133 -20.68 11.73 -10.24
C GLY A 133 -20.76 10.30 -9.67
N LEU A 134 -19.88 10.03 -8.71
CA LEU A 134 -19.79 8.74 -8.06
C LEU A 134 -20.14 8.87 -6.56
N MET A 135 -21.05 8.03 -6.11
CA MET A 135 -21.36 7.93 -4.70
C MET A 135 -20.97 6.56 -4.19
N LEU A 136 -20.30 6.52 -3.05
CA LEU A 136 -20.10 5.30 -2.28
C LEU A 136 -20.86 5.45 -0.98
N ILE A 137 -21.72 4.48 -0.71
CA ILE A 137 -22.62 4.49 0.41
C ILE A 137 -22.30 3.28 1.28
N PHE A 138 -21.93 3.57 2.52
CA PHE A 138 -21.72 2.57 3.55
C PHE A 138 -22.90 2.71 4.49
N PHE A 139 -23.86 1.80 4.30
CA PHE A 139 -25.07 1.74 5.12
C PHE A 139 -24.77 1.23 6.55
N ASP A 140 -25.37 1.87 7.53
CA ASP A 140 -25.27 1.39 8.89
C ASP A 140 -26.55 0.63 9.14
N GLY A 141 -26.51 -0.23 10.16
CA GLY A 141 -27.68 -0.92 10.65
C GLY A 141 -28.51 -1.76 9.71
N GLU A 142 -27.85 -2.36 8.72
CA GLU A 142 -28.49 -3.36 7.86
C GLU A 142 -29.04 -4.53 8.65
N GLU A 143 -28.24 -5.08 9.57
CA GLU A 143 -28.64 -6.30 10.29
C GLU A 143 -29.73 -6.10 11.35
N ALA A 144 -30.64 -7.08 11.45
CA ALA A 144 -31.60 -7.19 12.54
C ALA A 144 -30.87 -7.31 13.88
N PHE A 145 -31.48 -6.77 14.94
CA PHE A 145 -30.94 -6.91 16.29
C PHE A 145 -31.53 -8.15 16.98
N LYS A 146 -32.70 -8.59 16.55
CA LYS A 146 -33.30 -9.80 17.13
C LYS A 146 -33.71 -10.81 16.08
N GLU A 147 -34.52 -10.38 15.11
CA GLU A 147 -35.00 -11.25 14.09
C GLU A 147 -35.36 -10.42 12.86
N TRP A 148 -34.79 -10.77 11.72
CA TRP A 148 -35.09 -10.07 10.46
C TRP A 148 -36.57 -10.04 10.09
N THR A 149 -37.10 -8.82 10.10
CA THR A 149 -38.46 -8.50 9.64
C THR A 149 -38.41 -7.14 8.91
N ASP A 150 -39.50 -6.77 8.23
CA ASP A 150 -39.54 -5.46 7.58
C ASP A 150 -39.17 -4.34 8.53
N ALA A 151 -39.57 -4.49 9.80
CA ALA A 151 -39.26 -3.54 10.85
C ALA A 151 -37.82 -3.68 11.39
N ASP A 152 -37.41 -4.89 11.75
CA ASP A 152 -36.10 -5.13 12.36
C ASP A 152 -35.06 -5.50 11.27
N SER A 153 -34.50 -4.47 10.63
CA SER A 153 -33.65 -4.59 9.42
C SER A 153 -33.41 -3.19 8.83
N VAL A 154 -32.30 -3.06 8.12
CA VAL A 154 -32.03 -1.94 7.20
C VAL A 154 -32.34 -0.53 7.77
N TYR A 155 -31.96 -0.31 9.03
CA TYR A 155 -32.24 0.98 9.72
C TYR A 155 -31.55 2.19 9.08
N GLY A 156 -30.29 2.03 8.74
CA GLY A 156 -29.56 3.11 8.06
C GLY A 156 -30.12 3.46 6.68
N SER A 157 -30.39 2.43 5.89
CA SER A 157 -30.88 2.59 4.51
C SER A 157 -32.23 3.31 4.53
N LYS A 158 -33.10 2.90 5.45
CA LYS A 158 -34.40 3.54 5.64
C LYS A 158 -34.23 5.04 5.84
N HIS A 159 -33.26 5.41 6.68
CA HIS A 159 -33.05 6.80 7.04
C HIS A 159 -32.45 7.57 5.91
N LEU A 160 -31.48 6.99 5.21
CA LEU A 160 -30.78 7.67 4.12
C LEU A 160 -31.71 7.89 2.91
N ALA A 161 -32.53 6.90 2.57
CA ALA A 161 -33.51 6.99 1.47
C ALA A 161 -34.44 8.18 1.77
N ALA A 162 -34.97 8.21 2.99
CA ALA A 162 -35.86 9.32 3.40
C ALA A 162 -35.13 10.66 3.29
N LYS A 163 -33.91 10.73 3.81
CA LYS A 163 -33.11 11.93 3.69
C LYS A 163 -32.97 12.38 2.23
N LEU A 164 -32.53 11.45 1.35
CA LEU A 164 -32.28 11.80 -0.04
C LEU A 164 -33.56 12.18 -0.81
N ALA A 165 -34.65 11.60 -0.41
CA ALA A 165 -35.93 11.83 -1.03
C ALA A 165 -36.48 13.19 -0.62
N SER A 166 -36.13 13.63 0.59
CA SER A 166 -36.71 14.82 1.20
C SER A 166 -35.98 16.10 0.78
N LYS A 167 -34.84 15.94 0.12
CA LYS A 167 -34.03 17.05 -0.38
C LYS A 167 -34.18 17.26 -1.87
N ARG A 168 -34.15 18.53 -2.30
CA ARG A 168 -34.05 18.91 -3.71
C ARG A 168 -32.94 19.96 -3.88
N SER A 169 -32.23 19.90 -5.01
CA SER A 169 -31.11 20.82 -5.26
C SER A 169 -30.89 21.04 -6.76
N PRO A 177 -35.11 18.58 -9.00
CA PRO A 177 -35.39 17.16 -8.78
C PRO A 177 -35.00 16.74 -7.38
N ARG A 178 -35.56 15.64 -6.87
CA ARG A 178 -35.13 15.12 -5.56
C ARG A 178 -33.75 14.48 -5.66
N ASN A 179 -32.97 14.59 -4.58
CA ASN A 179 -31.61 14.03 -4.61
C ASN A 179 -31.64 12.53 -4.95
N ILE A 180 -32.62 11.81 -4.41
CA ILE A 180 -32.72 10.35 -4.61
C ILE A 180 -32.98 10.03 -6.08
N ASP A 181 -33.62 10.97 -6.78
CA ASP A 181 -33.99 10.80 -8.17
C ASP A 181 -32.80 10.93 -9.13
N ARG A 182 -31.75 11.62 -8.72
CA ARG A 182 -30.53 11.74 -9.50
C ARG A 182 -29.64 10.49 -9.48
N ILE A 183 -29.96 9.51 -8.62
CA ILE A 183 -29.25 8.24 -8.59
C ILE A 183 -29.76 7.41 -9.77
N GLU A 184 -28.89 7.16 -10.73
CA GLU A 184 -29.27 6.39 -11.93
C GLU A 184 -29.50 4.96 -11.59
N VAL A 185 -28.66 4.42 -10.70
CA VAL A 185 -28.80 3.04 -10.23
C VAL A 185 -28.06 2.88 -8.89
N LEU A 186 -28.63 2.07 -8.01
CA LEU A 186 -27.97 1.69 -6.76
C LEU A 186 -27.37 0.30 -6.99
N VAL A 187 -26.05 0.22 -7.01
CA VAL A 187 -25.34 -1.06 -7.16
C VAL A 187 -24.93 -1.51 -5.74
N LEU A 188 -25.63 -2.50 -5.21
CA LEU A 188 -25.46 -2.96 -3.82
C LEU A 188 -24.72 -4.28 -3.81
N LEU A 189 -23.58 -4.29 -3.11
CA LEU A 189 -22.70 -5.44 -2.97
C LEU A 189 -22.95 -6.08 -1.61
N ASP A 190 -23.28 -7.36 -1.59
CA ASP A 190 -23.41 -8.09 -0.34
C ASP A 190 -22.98 -9.56 -0.51
N LEU A 191 -22.43 -10.14 0.56
CA LEU A 191 -22.11 -11.54 0.62
C LEU A 191 -21.11 -11.98 -0.44
N ILE A 192 -20.06 -11.18 -0.56
CA ILE A 192 -18.95 -11.43 -1.42
C ILE A 192 -17.70 -11.84 -0.63
N GLY A 193 -16.95 -12.78 -1.18
CA GLY A 193 -15.69 -13.20 -0.55
C GLY A 193 -15.50 -14.69 -0.44
N ALA A 194 -16.60 -15.45 -0.54
CA ALA A 194 -16.51 -16.89 -0.51
C ALA A 194 -16.06 -17.44 -1.87
N ARG A 195 -15.80 -18.74 -1.92
CA ARG A 195 -15.27 -19.38 -3.14
C ARG A 195 -16.35 -19.50 -4.23
N ASN A 196 -16.00 -19.15 -5.46
CA ASN A 196 -16.86 -19.45 -6.64
C ASN A 196 -18.27 -18.88 -6.47
N PRO A 197 -18.36 -17.58 -6.19
CA PRO A 197 -19.67 -16.93 -6.10
C PRO A 197 -20.41 -16.92 -7.46
N LYS A 198 -21.74 -16.91 -7.40
CA LYS A 198 -22.60 -16.85 -8.57
C LYS A 198 -23.59 -15.67 -8.42
N PHE A 199 -23.54 -14.72 -9.37
CA PHE A 199 -24.39 -13.54 -9.40
C PHE A 199 -25.35 -13.60 -10.62
N SER A 200 -26.65 -13.54 -10.31
CA SER A 200 -27.73 -13.55 -11.30
C SER A 200 -28.40 -12.17 -11.33
N SER A 201 -29.02 -11.83 -12.44
CA SER A 201 -29.76 -10.58 -12.57
C SER A 201 -31.06 -10.66 -11.82
N PHE A 202 -31.33 -9.73 -10.91
CA PHE A 202 -32.59 -9.77 -10.18
C PHE A 202 -33.67 -8.95 -10.86
N TYR A 203 -33.31 -7.93 -11.61
CA TYR A 203 -34.28 -6.99 -12.16
C TYR A 203 -34.13 -6.71 -13.64
N GLU A 204 -35.25 -6.77 -14.37
CA GLU A 204 -35.23 -6.48 -15.80
C GLU A 204 -34.62 -5.14 -16.18
N ASN A 205 -34.95 -4.08 -15.45
CA ASN A 205 -34.44 -2.77 -15.73
C ASN A 205 -32.94 -2.57 -15.58
N THR A 206 -32.24 -3.43 -14.84
CA THR A 206 -30.80 -3.34 -14.71
C THR A 206 -30.14 -4.59 -15.31
N ASP A 207 -30.90 -5.38 -16.04
CA ASP A 207 -30.32 -6.49 -16.79
C ASP A 207 -29.21 -6.08 -17.79
N GLY A 208 -29.33 -4.92 -18.42
CA GLY A 208 -28.29 -4.47 -19.33
C GLY A 208 -26.97 -4.26 -18.57
N LEU A 209 -27.06 -3.77 -17.34
CA LEU A 209 -25.87 -3.60 -16.53
C LEU A 209 -25.31 -4.93 -16.12
N HIS A 210 -26.18 -5.87 -15.77
CA HIS A 210 -25.73 -7.19 -15.46
C HIS A 210 -25.00 -7.81 -16.66
N SER A 211 -25.57 -7.63 -17.84
CA SER A 211 -24.96 -8.12 -19.11
C SER A 211 -23.58 -7.50 -19.31
N SER A 212 -23.42 -6.25 -18.92
CA SER A 212 -22.12 -5.64 -18.93
C SER A 212 -21.05 -6.36 -18.05
N LEU A 213 -21.44 -6.73 -16.85
CA LEU A 213 -20.58 -7.52 -15.97
C LEU A 213 -20.20 -8.86 -16.61
N VAL A 214 -21.20 -9.57 -17.13
CA VAL A 214 -20.99 -10.82 -17.85
C VAL A 214 -19.98 -10.66 -19.00
N GLN A 215 -20.18 -9.64 -19.84
CA GLN A 215 -19.32 -9.36 -21.01
C GLN A 215 -17.89 -9.01 -20.58
N ILE A 216 -17.77 -8.22 -19.52
CA ILE A 216 -16.47 -7.82 -19.02
C ILE A 216 -15.73 -9.05 -18.48
N GLU A 217 -16.43 -9.94 -17.79
CA GLU A 217 -15.81 -11.16 -17.23
C GLU A 217 -15.34 -12.08 -18.38
N LYS A 218 -16.17 -12.23 -19.39
CA LYS A 218 -15.81 -13.02 -20.58
C LYS A 218 -14.57 -12.45 -21.27
N SER A 219 -14.55 -11.14 -21.41
CA SER A 219 -13.45 -10.43 -22.05
C SER A 219 -12.11 -10.53 -21.27
N LEU A 220 -12.20 -10.41 -19.95
CA LEU A 220 -11.04 -10.57 -19.08
C LEU A 220 -10.53 -12.01 -19.08
N ARG A 221 -11.44 -12.98 -19.11
CA ARG A 221 -11.02 -14.37 -19.21
C ARG A 221 -10.28 -14.67 -20.53
N THR A 222 -10.85 -14.19 -21.62
CA THR A 222 -10.24 -14.36 -22.93
C THR A 222 -8.88 -13.68 -22.97
N ALA A 223 -8.71 -12.56 -22.27
CA ALA A 223 -7.41 -11.88 -22.18
C ALA A 223 -6.42 -12.52 -21.16
N GLY A 224 -6.82 -13.59 -20.51
CA GLY A 224 -5.96 -14.26 -19.55
C GLY A 224 -5.82 -13.54 -18.22
N GLN A 225 -6.80 -12.69 -17.88
CA GLN A 225 -6.65 -11.84 -16.71
C GLN A 225 -7.36 -12.34 -15.45
N LEU A 226 -8.11 -13.46 -15.54
CA LEU A 226 -8.81 -14.04 -14.38
C LEU A 226 -8.08 -15.26 -13.81
N GLU A 227 -8.20 -15.43 -12.51
CA GLU A 227 -7.62 -16.59 -11.81
C GLU A 227 -8.57 -17.76 -11.74
N GLY A 228 -8.06 -18.94 -12.08
CA GLY A 228 -8.87 -20.16 -12.02
C GLY A 228 -9.88 -20.19 -13.16
N ASN A 229 -10.80 -21.14 -13.08
CA ASN A 229 -11.67 -21.51 -14.20
C ASN A 229 -13.15 -21.14 -13.99
N ASN A 230 -13.51 -20.53 -12.86
CA ASN A 230 -14.90 -20.20 -12.66
C ASN A 230 -15.27 -18.87 -13.26
N ASN A 231 -16.50 -18.79 -13.77
CA ASN A 231 -17.13 -17.51 -14.10
C ASN A 231 -18.26 -17.24 -13.08
N MET A 232 -18.23 -16.05 -12.51
CA MET A 232 -19.17 -15.70 -11.47
C MET A 232 -20.45 -14.97 -11.93
N PHE A 233 -20.37 -14.27 -13.06
CA PHE A 233 -21.54 -13.51 -13.56
C PHE A 233 -22.33 -14.34 -14.55
N LEU A 234 -23.44 -14.86 -14.06
CA LEU A 234 -24.30 -15.75 -14.82
C LEU A 234 -25.27 -15.00 -15.72
N SER A 235 -25.45 -15.52 -16.93
CA SER A 235 -26.38 -14.92 -17.90
C SER A 235 -27.76 -15.50 -17.67
N ARG A 236 -28.40 -15.09 -16.56
CA ARG A 236 -29.74 -15.54 -16.24
C ARG A 236 -30.37 -14.58 -15.25
N VAL A 237 -31.70 -14.62 -15.21
CA VAL A 237 -32.45 -13.82 -14.25
C VAL A 237 -32.73 -14.74 -13.07
N SER A 238 -32.54 -14.27 -11.83
CA SER A 238 -32.78 -15.12 -10.66
C SER A 238 -34.25 -15.21 -10.35
N GLY A 239 -34.70 -16.40 -9.98
CA GLY A 239 -36.10 -16.66 -9.70
C GLY A 239 -36.56 -16.16 -8.35
N GLY A 240 -35.63 -15.78 -7.49
CA GLY A 240 -36.02 -15.26 -6.17
C GLY A 240 -35.28 -13.95 -5.91
N LEU A 241 -35.62 -13.33 -4.79
CA LEU A 241 -35.05 -12.06 -4.41
C LEU A 241 -34.43 -12.24 -3.02
N VAL A 242 -33.46 -11.38 -2.72
CA VAL A 242 -32.84 -11.30 -1.40
C VAL A 242 -33.15 -9.93 -0.81
N ASP A 243 -33.88 -9.93 0.29
CA ASP A 243 -34.16 -8.69 1.03
C ASP A 243 -32.82 -8.14 1.57
N ASP A 244 -32.68 -6.82 1.53
CA ASP A 244 -31.42 -6.12 1.74
C ASP A 244 -31.65 -4.60 1.82
N ASP A 245 -30.55 -3.86 1.98
CA ASP A 245 -30.51 -2.41 2.05
C ASP A 245 -31.14 -1.66 0.88
N HIS A 246 -31.38 -2.33 -0.24
CA HIS A 246 -32.00 -1.66 -1.40
C HIS A 246 -33.49 -1.53 -1.22
N ARG A 247 -34.09 -2.22 -0.25
CA ARG A 247 -35.55 -2.14 -0.11
C ARG A 247 -36.08 -0.69 0.02
N PRO A 248 -35.45 0.15 0.88
CA PRO A 248 -35.97 1.51 1.00
C PRO A 248 -35.76 2.35 -0.25
N PHE A 249 -34.85 1.88 -1.11
CA PHE A 249 -34.61 2.50 -2.40
C PHE A 249 -35.60 2.00 -3.47
N LEU A 250 -35.94 0.71 -3.45
CA LEU A 250 -37.08 0.24 -4.25
C LEU A 250 -38.37 1.05 -3.93
N ASP A 251 -38.61 1.29 -2.65
CA ASP A 251 -39.77 2.02 -2.18
C ASP A 251 -39.83 3.39 -2.87
N GLU A 252 -38.69 3.98 -3.24
CA GLU A 252 -38.64 5.23 -3.98
C GLU A 252 -38.38 5.12 -5.50
N ASN A 253 -38.59 3.92 -6.04
CA ASN A 253 -38.42 3.63 -7.46
C ASN A 253 -36.99 3.83 -7.99
N VAL A 254 -35.98 3.56 -7.15
CA VAL A 254 -34.61 3.71 -7.59
C VAL A 254 -34.21 2.36 -8.26
N PRO A 255 -33.60 2.41 -9.47
CA PRO A 255 -33.18 1.14 -10.08
C PRO A 255 -32.05 0.48 -9.25
N VAL A 256 -32.11 -0.82 -9.12
CA VAL A 256 -31.12 -1.59 -8.31
C VAL A 256 -30.47 -2.72 -9.11
N LEU A 257 -29.14 -2.77 -9.03
CA LEU A 257 -28.37 -3.91 -9.45
C LEU A 257 -27.85 -4.55 -8.15
N HIS A 258 -28.40 -5.70 -7.77
CA HIS A 258 -28.11 -6.32 -6.51
C HIS A 258 -27.05 -7.40 -6.68
N LEU A 259 -25.80 -7.04 -6.38
CA LEU A 259 -24.65 -7.96 -6.48
C LEU A 259 -24.48 -8.71 -5.17
N VAL A 260 -25.36 -9.71 -4.98
CA VAL A 260 -25.37 -10.59 -3.83
C VAL A 260 -25.26 -12.02 -4.37
N ALA A 261 -24.34 -12.79 -3.82
CA ALA A 261 -24.07 -14.12 -4.34
C ALA A 261 -25.19 -15.03 -3.90
N THR A 262 -25.69 -15.89 -4.80
CA THR A 262 -26.73 -16.89 -4.47
C THR A 262 -26.33 -18.18 -5.21
N PRO A 263 -26.17 -19.29 -4.51
CA PRO A 263 -26.39 -19.44 -3.07
C PRO A 263 -25.53 -18.55 -2.22
N PHE A 264 -26.01 -18.30 -1.01
CA PHE A 264 -25.27 -17.56 -0.01
C PHE A 264 -23.97 -18.32 0.31
N PRO A 265 -22.94 -17.60 0.74
CA PRO A 265 -21.78 -18.32 1.30
C PRO A 265 -22.22 -19.33 2.36
N ASP A 266 -21.56 -20.49 2.35
CA ASP A 266 -21.77 -21.57 3.32
C ASP A 266 -21.70 -21.04 4.75
N VAL A 267 -20.84 -20.05 4.98
CA VAL A 267 -20.58 -19.49 6.29
C VAL A 267 -21.57 -18.45 6.78
N TRP A 268 -22.56 -18.11 5.96
CA TRP A 268 -23.43 -16.96 6.28
C TRP A 268 -24.04 -17.05 7.67
N HIS A 269 -23.83 -16.01 8.48
CA HIS A 269 -24.42 -15.90 9.83
C HIS A 269 -24.01 -17.07 10.72
N THR A 270 -22.78 -17.51 10.58
CA THR A 270 -22.17 -18.53 11.47
C THR A 270 -20.84 -17.97 11.93
N PRO A 271 -20.25 -18.55 13.00
CA PRO A 271 -18.91 -18.12 13.44
C PRO A 271 -17.80 -18.32 12.41
N ARG A 272 -18.10 -19.03 11.33
CA ARG A 272 -17.14 -19.28 10.26
C ARG A 272 -16.98 -18.16 9.23
N ASP A 273 -17.84 -17.14 9.30
CA ASP A 273 -17.72 -16.04 8.35
C ASP A 273 -16.56 -15.13 8.74
N ASN A 274 -15.35 -15.63 8.49
CA ASN A 274 -14.14 -14.98 8.91
C ASN A 274 -13.12 -14.97 7.77
N ALA A 275 -11.96 -14.36 8.03
CA ALA A 275 -10.89 -14.27 7.05
C ALA A 275 -10.41 -15.63 6.54
N ALA A 276 -10.45 -16.65 7.41
CA ALA A 276 -9.88 -17.98 7.10
C ALA A 276 -10.67 -18.68 6.01
N ASN A 277 -11.94 -18.27 5.85
CA ASN A 277 -12.85 -18.89 4.90
C ASN A 277 -13.09 -18.04 3.63
N LEU A 278 -12.40 -16.92 3.51
CA LEU A 278 -12.40 -16.15 2.27
C LEU A 278 -11.58 -16.85 1.17
N HIS A 279 -11.96 -16.61 -0.07
CA HIS A 279 -11.26 -17.15 -1.22
C HIS A 279 -10.67 -16.03 -2.04
N TRP A 280 -9.38 -15.79 -1.85
CA TRP A 280 -8.72 -14.67 -2.54
C TRP A 280 -8.84 -14.63 -4.05
N PRO A 281 -8.67 -15.76 -4.77
CA PRO A 281 -8.80 -15.73 -6.23
C PRO A 281 -10.20 -15.21 -6.68
N SER A 282 -11.24 -15.61 -5.99
CA SER A 282 -12.59 -15.13 -6.29
C SER A 282 -12.68 -13.61 -6.04
N ILE A 283 -12.23 -13.17 -4.88
CA ILE A 283 -12.14 -11.75 -4.60
C ILE A 283 -11.37 -10.99 -5.70
N ARG A 284 -10.24 -11.53 -6.10
CA ARG A 284 -9.45 -10.87 -7.13
C ARG A 284 -10.21 -10.77 -8.45
N ASN A 285 -10.87 -11.85 -8.84
CA ASN A 285 -11.63 -11.82 -10.07
C ASN A 285 -12.79 -10.81 -9.98
N PHE A 286 -13.46 -10.77 -8.83
CA PHE A 286 -14.54 -9.82 -8.62
C PHE A 286 -14.03 -8.41 -8.85
N ASN A 287 -12.93 -8.05 -8.18
CA ASN A 287 -12.34 -6.71 -8.28
C ASN A 287 -11.97 -6.28 -9.73
N ARG A 288 -11.37 -7.18 -10.50
CA ARG A 288 -11.04 -6.94 -11.90
C ARG A 288 -12.28 -6.65 -12.75
N VAL A 289 -13.34 -7.45 -12.61
CA VAL A 289 -14.55 -7.24 -13.39
C VAL A 289 -15.20 -5.93 -12.91
N PHE A 290 -15.36 -5.79 -11.59
CA PHE A 290 -16.08 -4.70 -10.98
C PHE A 290 -15.44 -3.34 -11.27
N ARG A 291 -14.14 -3.19 -11.04
CA ARG A 291 -13.44 -1.94 -11.33
C ARG A 291 -13.56 -1.50 -12.80
N ASN A 292 -13.47 -2.42 -13.73
CA ASN A 292 -13.70 -2.12 -15.15
C ASN A 292 -15.19 -1.78 -15.47
N PHE A 293 -16.11 -2.49 -14.83
CA PHE A 293 -17.52 -2.16 -14.93
C PHE A 293 -17.81 -0.69 -14.51
N VAL A 294 -17.23 -0.27 -13.40
CA VAL A 294 -17.44 1.07 -12.85
C VAL A 294 -16.76 2.13 -13.72
N TYR A 295 -15.54 1.87 -14.10
CA TYR A 295 -14.85 2.77 -15.00
C TYR A 295 -15.63 2.96 -16.32
N GLN A 296 -16.09 1.85 -16.90
CA GLN A 296 -16.74 1.89 -18.22
C GLN A 296 -18.07 2.62 -18.09
N TYR A 297 -18.82 2.38 -17.01
CA TYR A 297 -20.09 3.09 -16.76
C TYR A 297 -19.82 4.61 -16.78
N LEU A 298 -18.79 5.04 -16.06
CA LEU A 298 -18.48 6.45 -15.90
C LEU A 298 -17.91 7.04 -17.21
N LYS A 299 -17.00 6.31 -17.82
CA LYS A 299 -16.41 6.73 -19.09
C LYS A 299 -17.45 6.88 -20.22
N ARG A 300 -18.40 5.94 -20.33
CA ARG A 300 -19.40 5.91 -21.41
CA ARG A 300 -19.34 5.97 -21.45
C ARG A 300 -20.50 6.95 -21.19
N HIS A 301 -20.70 7.37 -19.93
CA HIS A 301 -21.82 8.25 -19.62
C HIS A 301 -21.82 9.53 -20.40
N THR A 302 -22.97 9.84 -20.97
CA THR A 302 -23.19 11.12 -21.64
C THR A 302 -24.47 11.75 -21.09
N SER A 303 -25.61 11.20 -21.52
CA SER A 303 -26.94 11.69 -21.14
C SER A 303 -27.43 11.01 -19.84
N PRO A 304 -28.48 11.57 -19.21
CA PRO A 304 -28.97 10.85 -18.03
C PRO A 304 -29.47 9.48 -18.39
N VAL A 305 -29.07 8.50 -17.59
CA VAL A 305 -29.49 7.11 -17.77
C VAL A 305 -30.75 7.00 -16.96
N ASN A 306 -31.82 6.56 -17.61
CA ASN A 306 -33.13 6.49 -16.99
C ASN A 306 -33.72 5.09 -17.13
N LEU A 307 -33.42 4.29 -16.11
CA LEU A 307 -33.85 2.93 -16.04
C LEU A 307 -35.11 2.77 -15.19
N ARG A 308 -35.85 3.84 -14.92
CA ARG A 308 -37.09 3.69 -14.16
C ARG A 308 -38.22 3.19 -15.09
N PHE A 309 -38.19 1.89 -15.40
CA PHE A 309 -39.20 1.23 -16.25
C PHE A 309 -39.36 -0.25 -15.91
N SER B 4 25.12 -13.32 18.27
CA SER B 4 23.75 -12.79 17.97
C SER B 4 22.71 -13.89 17.80
N GLN B 5 21.47 -13.55 18.13
CA GLN B 5 20.33 -14.46 18.01
C GLN B 5 19.70 -14.42 16.61
N TRP B 6 20.05 -13.40 15.81
CA TRP B 6 19.40 -13.18 14.51
C TRP B 6 20.06 -14.03 13.45
N ARG B 7 19.29 -14.89 12.80
CA ARG B 7 19.86 -15.84 11.84
C ARG B 7 20.04 -15.19 10.46
N ASP B 8 20.99 -15.69 9.67
CA ASP B 8 21.03 -15.36 8.22
C ASP B 8 19.79 -15.88 7.48
N ASP B 9 19.50 -15.25 6.35
CA ASP B 9 18.56 -15.78 5.35
C ASP B 9 19.12 -15.55 3.96
N GLU B 10 20.08 -16.38 3.59
CA GLU B 10 20.78 -16.19 2.34
C GLU B 10 19.90 -16.57 1.15
N VAL B 11 18.92 -17.44 1.35
CA VAL B 11 17.99 -17.75 0.27
C VAL B 11 17.23 -16.47 -0.13
N HIS B 12 16.67 -15.79 0.88
CA HIS B 12 16.08 -14.48 0.64
C HIS B 12 17.03 -13.50 -0.02
N PHE B 13 18.27 -13.43 0.47
CA PHE B 13 19.23 -12.48 -0.06
C PHE B 13 19.47 -12.74 -1.54
N ASN B 14 19.71 -14.02 -1.86
CA ASN B 14 20.05 -14.42 -3.22
C ASN B 14 18.91 -14.14 -4.20
N ARG B 15 17.67 -14.45 -3.78
CA ARG B 15 16.48 -14.24 -4.60
C ARG B 15 16.21 -12.78 -4.86
N THR B 16 16.40 -11.97 -3.81
CA THR B 16 16.28 -10.52 -3.88
C THR B 16 17.25 -9.93 -4.85
N LEU B 17 18.53 -10.23 -4.66
CA LEU B 17 19.59 -9.82 -5.57
C LEU B 17 19.31 -10.20 -7.04
N ASP B 18 18.88 -11.43 -7.28
CA ASP B 18 18.52 -11.86 -8.64
C ASP B 18 17.42 -11.00 -9.28
N SER B 19 16.43 -10.59 -8.47
CA SER B 19 15.33 -9.74 -8.93
C SER B 19 15.83 -8.33 -9.29
N ILE B 20 16.85 -7.86 -8.61
CA ILE B 20 17.37 -6.49 -8.78
C ILE B 20 18.47 -6.42 -9.83
N LEU B 21 19.22 -7.52 -9.98
CA LEU B 21 20.46 -7.49 -10.76
C LEU B 21 20.15 -7.61 -12.27
N VAL B 22 19.63 -6.53 -12.83
CA VAL B 22 19.27 -6.39 -14.25
C VAL B 22 19.60 -4.98 -14.70
N PRO B 23 19.94 -4.79 -15.98
CA PRO B 23 20.22 -3.45 -16.36
C PRO B 23 18.97 -2.57 -16.09
N ARG B 24 19.21 -1.40 -15.54
CA ARG B 24 18.14 -0.55 -15.03
C ARG B 24 18.52 0.92 -15.06
N VAL B 25 18.90 1.39 -16.25
CA VAL B 25 19.08 2.82 -16.48
C VAL B 25 17.66 3.45 -16.31
N VAL B 26 17.61 4.63 -15.71
CA VAL B 26 16.30 5.32 -15.48
C VAL B 26 15.53 5.36 -16.81
N GLY B 27 14.27 4.99 -16.78
CA GLY B 27 13.41 5.04 -17.98
C GLY B 27 13.35 3.71 -18.72
N SER B 28 14.30 2.82 -18.47
CA SER B 28 14.28 1.47 -19.06
C SER B 28 13.20 0.56 -18.51
N ARG B 29 12.90 -0.50 -19.25
CA ARG B 29 11.94 -1.47 -18.78
C ARG B 29 12.46 -2.17 -17.50
N GLY B 30 13.73 -2.55 -17.48
CA GLY B 30 14.33 -3.19 -16.29
C GLY B 30 14.22 -2.29 -15.04
N HIS B 31 14.38 -0.98 -15.22
CA HIS B 31 14.25 0.00 -14.13
C HIS B 31 12.84 0.00 -13.58
N GLN B 32 11.86 0.00 -14.49
CA GLN B 32 10.48 -0.05 -14.11
C GLN B 32 10.13 -1.34 -13.37
N GLN B 33 10.61 -2.46 -13.86
CA GLN B 33 10.44 -3.74 -13.17
C GLN B 33 11.09 -3.80 -11.76
N VAL B 34 12.29 -3.29 -11.65
CA VAL B 34 12.96 -3.18 -10.35
C VAL B 34 12.16 -2.25 -9.40
N ARG B 35 11.72 -1.08 -9.85
CA ARG B 35 10.91 -0.16 -9.05
CA ARG B 35 10.89 -0.16 -9.05
C ARG B 35 9.71 -0.91 -8.47
N GLU B 36 8.96 -1.61 -9.33
CA GLU B 36 7.78 -2.42 -8.92
C GLU B 36 8.15 -3.54 -7.96
N TYR B 37 9.28 -4.21 -8.23
CA TYR B 37 9.73 -5.25 -7.34
C TYR B 37 10.05 -4.66 -5.94
N LEU B 38 10.72 -3.51 -5.89
CA LEU B 38 11.01 -2.89 -4.57
C LEU B 38 9.74 -2.53 -3.83
N VAL B 39 8.78 -1.93 -4.53
CA VAL B 39 7.50 -1.56 -3.92
C VAL B 39 6.82 -2.82 -3.40
N GLN B 40 6.78 -3.85 -4.23
CA GLN B 40 6.14 -5.12 -3.80
C GLN B 40 6.87 -5.74 -2.56
N SER B 41 8.19 -5.69 -2.60
CA SER B 41 8.99 -6.35 -1.56
C SER B 41 8.80 -5.60 -0.21
N LEU B 42 8.85 -4.28 -0.26
CA LEU B 42 8.62 -3.44 0.91
C LEU B 42 7.26 -3.69 1.53
N ASN B 43 6.22 -3.72 0.70
CA ASN B 43 4.89 -3.99 1.17
C ASN B 43 4.81 -5.34 1.85
N GLY B 44 5.40 -6.35 1.23
CA GLY B 44 5.46 -7.66 1.82
C GLY B 44 6.29 -7.78 3.09
N LEU B 45 7.22 -6.86 3.32
CA LEU B 45 7.96 -6.82 4.58
C LEU B 45 7.32 -5.96 5.67
N GLY B 46 6.09 -5.51 5.42
CA GLY B 46 5.32 -4.74 6.37
C GLY B 46 5.55 -3.24 6.34
N PHE B 47 6.15 -2.71 5.28
CA PHE B 47 6.30 -1.26 5.19
C PHE B 47 5.09 -0.60 4.54
N GLN B 48 4.84 0.64 4.95
CA GLN B 48 4.04 1.59 4.21
C GLN B 48 4.94 2.19 3.12
N THR B 49 4.55 2.07 1.86
CA THR B 49 5.43 2.45 0.76
C THR B 49 4.86 3.61 -0.03
N GLU B 50 5.70 4.60 -0.30
CA GLU B 50 5.37 5.71 -1.15
C GLU B 50 6.43 5.85 -2.24
N VAL B 51 5.99 6.28 -3.41
CA VAL B 51 6.89 6.61 -4.47
C VAL B 51 6.88 8.10 -4.70
N ASP B 52 8.07 8.69 -4.70
CA ASP B 52 8.26 10.10 -4.98
C ASP B 52 8.66 10.24 -6.46
N GLU B 53 7.66 10.52 -7.29
CA GLU B 53 7.80 10.44 -8.75
C GLU B 53 7.84 11.86 -9.33
N PHE B 54 8.74 12.11 -10.26
CA PHE B 54 8.86 13.43 -10.85
C PHE B 54 9.54 13.34 -12.20
N LYS B 55 9.44 14.42 -12.97
CA LYS B 55 10.09 14.50 -14.28
C LYS B 55 11.22 15.48 -14.24
N GLN B 56 12.28 15.14 -14.94
CA GLN B 56 13.36 16.05 -15.09
C GLN B 56 14.13 15.79 -16.39
N ARG B 57 14.67 16.85 -17.00
CA ARG B 57 15.43 16.72 -18.22
C ARG B 57 16.90 16.54 -17.88
N VAL B 58 17.49 15.50 -18.44
CA VAL B 58 18.88 15.17 -18.16
C VAL B 58 19.64 14.99 -19.48
N PRO B 59 20.99 15.04 -19.44
CA PRO B 59 21.80 14.72 -20.60
C PRO B 59 21.48 13.35 -21.21
N VAL B 60 21.65 13.28 -22.53
CA VAL B 60 21.44 12.07 -23.34
C VAL B 60 19.95 11.71 -23.54
N PHE B 61 19.21 11.56 -22.46
CA PHE B 61 17.90 10.94 -22.54
C PHE B 61 16.75 11.94 -22.57
N GLY B 62 17.03 13.23 -22.43
CA GLY B 62 15.95 14.23 -22.35
C GLY B 62 15.09 14.12 -21.09
N GLU B 63 13.78 14.18 -21.25
CA GLU B 63 12.89 14.17 -20.11
C GLU B 63 12.55 12.76 -19.63
N LEU B 64 12.96 12.43 -18.40
CA LEU B 64 12.72 11.16 -17.80
C LEU B 64 11.90 11.32 -16.55
N THR B 65 11.20 10.25 -16.21
CA THR B 65 10.50 10.15 -14.99
C THR B 65 11.35 9.34 -14.01
N PHE B 66 11.69 9.99 -12.90
CA PHE B 66 12.41 9.38 -11.79
C PHE B 66 11.39 9.02 -10.72
N ALA B 67 11.79 8.09 -9.85
CA ALA B 67 10.92 7.58 -8.82
C ALA B 67 11.74 7.02 -7.65
N ASN B 68 11.92 7.82 -6.60
CA ASN B 68 12.46 7.31 -5.34
C ASN B 68 11.43 6.44 -4.70
N VAL B 69 11.86 5.31 -4.17
CA VAL B 69 10.98 4.39 -3.45
C VAL B 69 11.31 4.46 -1.95
N VAL B 70 10.29 4.72 -1.15
CA VAL B 70 10.47 4.90 0.31
C VAL B 70 9.50 4.03 1.05
N GLY B 71 10.04 3.18 1.91
CA GLY B 71 9.23 2.31 2.78
C GLY B 71 9.42 2.77 4.23
N THR B 72 8.31 2.88 4.98
CA THR B 72 8.36 3.34 6.39
C THR B 72 7.57 2.40 7.27
N ILE B 73 8.17 1.98 8.38
CA ILE B 73 7.45 1.38 9.51
C ILE B 73 7.33 2.43 10.64
N ASN B 74 6.11 2.57 11.16
CA ASN B 74 5.72 3.65 12.09
C ASN B 74 5.83 5.04 11.48
N PRO B 75 5.04 5.37 10.44
CA PRO B 75 5.18 6.65 9.79
C PRO B 75 4.80 7.85 10.63
N GLN B 76 4.07 7.64 11.72
CA GLN B 76 3.76 8.74 12.63
C GLN B 76 4.74 8.88 13.82
N ALA B 77 5.80 8.07 13.83
CA ALA B 77 6.86 8.19 14.82
C ALA B 77 7.47 9.61 14.84
N GLN B 78 8.04 9.97 15.99
CA GLN B 78 8.68 11.26 16.17
C GLN B 78 9.97 11.37 15.39
N ASN B 79 10.71 10.26 15.29
CA ASN B 79 12.03 10.26 14.67
C ASN B 79 12.29 8.99 13.88
N PHE B 80 13.23 9.04 12.95
CA PHE B 80 13.51 7.86 12.13
C PHE B 80 14.97 7.51 11.99
N LEU B 81 15.21 6.21 11.98
CA LEU B 81 16.41 5.63 11.39
C LEU B 81 16.15 5.41 9.90
N ALA B 82 17.00 6.03 9.08
CA ALA B 82 16.91 5.94 7.62
C ALA B 82 18.09 5.18 7.03
N LEU B 83 17.75 4.12 6.29
CA LEU B 83 18.72 3.33 5.55
C LEU B 83 18.45 3.48 4.05
N ALA B 84 19.52 3.56 3.28
CA ALA B 84 19.38 3.95 1.87
C ALA B 84 20.46 3.35 0.94
N CYS B 85 20.08 3.31 -0.34
CA CYS B 85 20.90 2.81 -1.44
C CYS B 85 20.36 3.50 -2.70
N HIS B 86 21.05 3.36 -3.83
CA HIS B 86 20.45 3.79 -5.10
C HIS B 86 20.10 2.60 -5.96
N TYR B 87 18.94 2.64 -6.66
CA TYR B 87 18.52 1.45 -7.44
C TYR B 87 18.65 1.56 -8.95
N ASP B 88 18.96 2.76 -9.47
CA ASP B 88 19.29 2.93 -10.87
C ASP B 88 20.67 2.29 -11.14
N SER B 89 20.93 1.94 -12.40
CA SER B 89 22.27 1.56 -12.82
C SER B 89 22.78 2.56 -13.83
N LYS B 90 24.09 2.70 -13.92
CA LYS B 90 24.69 3.70 -14.75
C LYS B 90 24.56 3.40 -16.25
N TYR B 91 24.37 4.46 -17.03
CA TYR B 91 24.40 4.38 -18.52
C TYR B 91 25.82 4.38 -19.10
N PHE B 92 26.16 3.36 -19.87
CA PHE B 92 27.39 3.31 -20.65
C PHE B 92 27.01 3.07 -22.13
N PRO B 93 27.31 4.03 -23.03
CA PRO B 93 26.94 3.83 -24.45
C PRO B 93 27.44 2.50 -25.01
N ASN B 94 28.60 2.03 -24.58
CA ASN B 94 29.07 0.78 -25.13
C ASN B 94 29.13 -0.36 -24.12
N ASP B 95 28.28 -0.25 -23.09
CA ASP B 95 28.03 -1.35 -22.19
C ASP B 95 26.58 -1.31 -21.70
N PRO B 96 25.63 -1.62 -22.60
CA PRO B 96 24.21 -1.64 -22.25
C PRO B 96 23.81 -2.72 -21.24
N GLY B 97 24.63 -3.76 -21.10
CA GLY B 97 24.35 -4.83 -20.17
C GLY B 97 24.84 -4.58 -18.75
N PHE B 98 25.45 -3.43 -18.50
CA PHE B 98 25.99 -3.08 -17.17
C PHE B 98 24.92 -3.25 -16.10
N VAL B 99 25.20 -4.06 -15.08
CA VAL B 99 24.24 -4.29 -13.98
C VAL B 99 24.60 -3.70 -12.60
N GLY B 100 25.80 -3.15 -12.48
CA GLY B 100 26.28 -2.51 -11.24
C GLY B 100 25.99 -3.36 -10.02
N ALA B 101 26.62 -4.53 -9.95
CA ALA B 101 26.34 -5.48 -8.85
C ALA B 101 26.67 -4.88 -7.46
N THR B 102 27.81 -4.19 -7.34
CA THR B 102 28.18 -3.55 -6.08
C THR B 102 27.57 -2.16 -6.01
N ASP B 103 27.07 -1.64 -7.15
CA ASP B 103 26.76 -0.26 -7.36
C ASP B 103 25.40 -0.08 -8.08
N SER B 104 24.27 -0.31 -7.39
CA SER B 104 24.20 -0.77 -5.98
C SER B 104 23.18 -1.87 -5.74
N ALA B 105 23.21 -2.89 -6.59
CA ALA B 105 22.31 -4.03 -6.46
C ALA B 105 22.47 -4.71 -5.10
N VAL B 106 23.69 -4.96 -4.66
CA VAL B 106 23.91 -5.62 -3.37
C VAL B 106 23.45 -4.75 -2.18
N PRO B 107 23.85 -3.48 -2.12
CA PRO B 107 23.31 -2.59 -1.09
C PRO B 107 21.78 -2.59 -1.02
N CYS B 108 21.10 -2.59 -2.15
CA CYS B 108 19.65 -2.59 -2.15
C CYS B 108 19.13 -3.94 -1.62
N ALA B 109 19.73 -5.03 -2.09
CA ALA B 109 19.41 -6.35 -1.55
C ALA B 109 19.72 -6.44 -0.05
N ILE B 110 20.83 -5.87 0.42
CA ILE B 110 21.09 -5.84 1.88
C ILE B 110 19.97 -5.16 2.69
N LEU B 111 19.49 -4.02 2.22
CA LEU B 111 18.37 -3.33 2.90
C LEU B 111 17.15 -4.23 3.06
N LEU B 112 16.67 -4.82 1.97
CA LEU B 112 15.49 -5.67 2.02
C LEU B 112 15.75 -6.93 2.89
N ASN B 113 16.93 -7.50 2.79
CA ASN B 113 17.28 -8.69 3.57
C ASN B 113 17.39 -8.42 5.09
N THR B 114 17.90 -7.24 5.43
CA THR B 114 17.93 -6.76 6.82
C THR B 114 16.50 -6.72 7.39
N ALA B 115 15.58 -6.12 6.64
CA ALA B 115 14.17 -6.07 7.05
C ALA B 115 13.56 -7.49 7.20
N LYS B 116 13.94 -8.40 6.31
CA LYS B 116 13.52 -9.81 6.36
C LYS B 116 14.05 -10.50 7.63
N THR B 117 15.36 -10.46 7.83
CA THR B 117 15.96 -11.16 8.97
C THR B 117 15.54 -10.61 10.35
N LEU B 118 15.15 -9.33 10.42
CA LEU B 118 14.67 -8.70 11.64
C LEU B 118 13.12 -8.66 11.70
N GLY B 119 12.48 -9.39 10.78
CA GLY B 119 11.03 -9.33 10.60
C GLY B 119 10.21 -9.68 11.84
N ALA B 120 10.72 -10.60 12.64
CA ALA B 120 10.07 -11.00 13.89
C ALA B 120 9.97 -9.83 14.85
N TYR B 121 10.85 -8.85 14.70
CA TYR B 121 10.80 -7.66 15.52
C TYR B 121 10.07 -6.53 14.80
N LEU B 122 10.46 -6.25 13.55
CA LEU B 122 9.97 -5.07 12.80
C LEU B 122 8.46 -5.17 12.55
N GLN B 123 7.98 -6.40 12.36
CA GLN B 123 6.57 -6.62 12.05
C GLN B 123 5.70 -6.89 13.29
N LYS B 124 6.33 -6.97 14.47
CA LYS B 124 5.61 -7.26 15.70
C LYS B 124 5.81 -6.17 16.75
N GLU B 125 6.75 -6.38 17.68
CA GLU B 125 6.95 -5.51 18.85
C GLU B 125 7.30 -4.08 18.45
N PHE B 126 8.10 -3.94 17.41
CA PHE B 126 8.51 -2.64 16.92
C PHE B 126 7.35 -1.73 16.49
N ARG B 127 6.23 -2.33 16.11
CA ARG B 127 5.03 -1.57 15.74
C ARG B 127 4.35 -0.92 16.92
N ASN B 128 4.64 -1.39 18.13
CA ASN B 128 4.04 -0.81 19.34
C ASN B 128 4.81 0.38 19.86
N ARG B 129 5.17 1.33 18.98
CA ARG B 129 5.87 2.51 19.47
C ARG B 129 5.82 3.75 18.57
N SER B 130 5.95 4.91 19.21
CA SER B 130 5.79 6.20 18.57
C SER B 130 6.99 7.10 18.69
N ASP B 131 8.03 6.64 19.35
CA ASP B 131 9.26 7.42 19.46
C ASP B 131 10.20 7.27 18.24
N VAL B 132 10.17 6.09 17.63
CA VAL B 132 11.03 5.81 16.49
C VAL B 132 10.35 4.90 15.41
N GLY B 133 10.69 5.19 14.15
CA GLY B 133 10.32 4.39 13.01
C GLY B 133 11.55 4.03 12.18
N LEU B 134 11.32 3.24 11.13
CA LEU B 134 12.35 2.82 10.22
C LEU B 134 11.93 3.18 8.80
N MET B 135 12.83 3.87 8.10
CA MET B 135 12.69 4.23 6.72
C MET B 135 13.76 3.51 5.92
N LEU B 136 13.34 2.84 4.84
CA LEU B 136 14.24 2.34 3.80
C LEU B 136 14.01 3.18 2.55
N ILE B 137 15.08 3.81 2.09
CA ILE B 137 15.03 4.70 0.97
C ILE B 137 15.82 4.08 -0.21
N PHE B 138 15.15 3.89 -1.35
CA PHE B 138 15.83 3.50 -2.61
C PHE B 138 15.85 4.69 -3.55
N PHE B 139 16.98 5.42 -3.55
CA PHE B 139 17.11 6.59 -4.36
C PHE B 139 17.13 6.21 -5.83
N ASP B 140 16.51 7.04 -6.65
CA ASP B 140 16.55 6.83 -8.07
C ASP B 140 17.54 7.82 -8.62
N GLY B 141 18.08 7.59 -9.82
CA GLY B 141 18.89 8.58 -10.45
C GLY B 141 20.16 9.05 -9.77
N GLU B 142 20.78 8.19 -8.96
CA GLU B 142 22.06 8.54 -8.36
C GLU B 142 23.13 8.86 -9.41
N GLU B 143 23.20 8.06 -10.45
CA GLU B 143 24.27 8.19 -11.45
C GLU B 143 24.10 9.32 -12.44
N ALA B 144 25.22 9.98 -12.74
CA ALA B 144 25.31 10.90 -13.84
C ALA B 144 24.98 10.18 -15.16
N PHE B 145 24.39 10.95 -16.07
CA PHE B 145 24.11 10.47 -17.39
C PHE B 145 25.29 10.76 -18.30
N LYS B 146 25.99 11.86 -18.09
CA LYS B 146 27.12 12.18 -18.97
C LYS B 146 28.41 12.14 -18.18
N GLU B 147 28.50 12.97 -17.15
CA GLU B 147 29.72 13.09 -16.40
C GLU B 147 29.36 13.63 -15.02
N TRP B 148 29.90 13.00 -13.98
CA TRP B 148 29.59 13.38 -12.61
C TRP B 148 29.94 14.81 -12.31
N THR B 149 28.91 15.59 -11.99
CA THR B 149 29.07 16.97 -11.60
C THR B 149 28.03 17.25 -10.52
N ASP B 150 28.18 18.40 -9.88
CA ASP B 150 27.23 18.78 -8.84
C ASP B 150 25.81 18.71 -9.43
N ALA B 151 25.62 19.13 -10.69
CA ALA B 151 24.31 19.10 -11.36
C ALA B 151 23.93 17.69 -11.88
N ASP B 152 24.88 17.03 -12.54
CA ASP B 152 24.59 15.78 -13.23
C ASP B 152 24.97 14.67 -12.25
N SER B 153 24.04 14.44 -11.31
CA SER B 153 24.19 13.48 -10.20
C SER B 153 22.99 13.51 -9.25
N VAL B 154 22.78 12.42 -8.55
CA VAL B 154 21.95 12.38 -7.34
C VAL B 154 20.58 13.10 -7.58
N TYR B 155 19.98 12.77 -8.72
CA TYR B 155 18.71 13.42 -9.13
C TYR B 155 17.59 13.13 -8.15
N GLY B 156 17.43 11.87 -7.77
CA GLY B 156 16.35 11.50 -6.93
C GLY B 156 16.55 12.04 -5.52
N SER B 157 17.75 11.90 -4.99
CA SER B 157 18.07 12.42 -3.66
C SER B 157 17.78 13.90 -3.54
N LYS B 158 18.22 14.67 -4.53
CA LYS B 158 17.94 16.09 -4.57
C LYS B 158 16.45 16.39 -4.41
N HIS B 159 15.63 15.64 -5.13
CA HIS B 159 14.19 15.87 -5.14
C HIS B 159 13.58 15.45 -3.81
N LEU B 160 13.99 14.30 -3.32
CA LEU B 160 13.44 13.79 -2.05
C LEU B 160 13.82 14.68 -0.84
N ALA B 161 15.08 15.13 -0.80
CA ALA B 161 15.56 16.05 0.24
C ALA B 161 14.77 17.35 0.24
N ALA B 162 14.58 17.94 -0.95
CA ALA B 162 13.78 19.16 -1.06
C ALA B 162 12.36 18.94 -0.56
N LYS B 163 11.78 17.82 -0.93
CA LYS B 163 10.41 17.46 -0.54
C LYS B 163 10.26 17.28 0.97
N LEU B 164 11.19 16.52 1.55
CA LEU B 164 11.20 16.31 3.00
C LEU B 164 11.47 17.61 3.75
N ALA B 165 12.25 18.51 3.19
CA ALA B 165 12.58 19.75 3.85
C ALA B 165 11.40 20.74 3.83
N SER B 166 10.56 20.62 2.78
CA SER B 166 9.50 21.58 2.49
C SER B 166 8.25 21.41 3.35
N LYS B 167 8.18 20.32 4.12
CA LYS B 167 7.00 19.93 4.88
C LYS B 167 7.32 19.92 6.36
N ARG B 168 6.39 20.40 7.17
CA ARG B 168 6.59 20.55 8.59
C ARG B 168 5.28 20.17 9.28
N SER B 169 5.32 19.31 10.29
CA SER B 169 4.08 18.81 10.91
C SER B 169 3.23 19.92 11.53
N LEU B 175 8.01 25.61 17.37
CA LEU B 175 8.35 25.30 15.96
C LEU B 175 8.52 23.80 15.74
N ALA B 176 7.76 23.29 14.80
CA ALA B 176 7.77 21.87 14.53
C ALA B 176 9.01 21.51 13.65
N PRO B 177 9.60 20.33 13.84
CA PRO B 177 10.65 19.89 12.91
C PRO B 177 10.11 19.66 11.51
N ARG B 178 10.88 20.06 10.52
CA ARG B 178 10.63 19.68 9.14
C ARG B 178 10.67 18.16 9.06
N ASN B 179 9.98 17.60 8.08
CA ASN B 179 9.95 16.15 7.98
C ASN B 179 11.36 15.58 7.89
N ILE B 180 12.22 16.27 7.16
CA ILE B 180 13.64 15.82 7.00
C ILE B 180 14.42 15.87 8.32
N ASP B 181 14.01 16.77 9.22
CA ASP B 181 14.59 16.88 10.54
C ASP B 181 14.30 15.71 11.45
N ARG B 182 13.27 14.95 11.12
CA ARG B 182 12.93 13.74 11.83
C ARG B 182 13.84 12.54 11.51
N ILE B 183 14.69 12.69 10.51
CA ILE B 183 15.67 11.67 10.19
C ILE B 183 16.86 11.86 11.14
N GLU B 184 17.01 10.94 12.06
CA GLU B 184 18.09 11.04 13.08
C GLU B 184 19.42 10.83 12.44
N VAL B 185 19.46 9.87 11.52
CA VAL B 185 20.64 9.57 10.73
C VAL B 185 20.22 8.89 9.43
N LEU B 186 20.90 9.29 8.37
CA LEU B 186 20.86 8.59 7.10
C LEU B 186 22.07 7.66 6.94
N VAL B 187 21.81 6.39 6.89
CA VAL B 187 22.83 5.35 6.74
C VAL B 187 22.82 4.96 5.27
N LEU B 188 23.76 5.48 4.50
CA LEU B 188 23.80 5.29 3.04
C LEU B 188 24.78 4.18 2.70
N LEU B 189 24.28 3.14 2.05
CA LEU B 189 25.16 2.02 1.67
C LEU B 189 25.46 2.11 0.21
N ASP B 190 26.74 1.96 -0.16
CA ASP B 190 27.14 2.03 -1.56
C ASP B 190 28.44 1.21 -1.79
N LEU B 191 28.52 0.58 -2.95
CA LEU B 191 29.74 -0.14 -3.37
C LEU B 191 30.11 -1.25 -2.39
N ILE B 192 29.12 -2.08 -2.11
CA ILE B 192 29.31 -3.21 -1.26
C ILE B 192 29.13 -4.45 -2.14
N GLY B 193 29.91 -5.48 -1.83
CA GLY B 193 29.81 -6.78 -2.50
C GLY B 193 31.15 -7.38 -2.92
N ALA B 194 32.17 -6.53 -3.06
CA ALA B 194 33.50 -7.01 -3.43
C ALA B 194 34.25 -7.61 -2.22
N ARG B 195 35.38 -8.24 -2.49
CA ARG B 195 36.11 -8.94 -1.44
C ARG B 195 36.79 -7.97 -0.48
N ASN B 196 36.60 -8.22 0.81
CA ASN B 196 37.27 -7.47 1.88
C ASN B 196 37.17 -5.97 1.78
N PRO B 197 35.92 -5.45 1.79
CA PRO B 197 35.70 -4.01 1.81
C PRO B 197 36.19 -3.40 3.11
N LYS B 198 36.57 -2.13 3.02
CA LYS B 198 36.97 -1.34 4.17
C LYS B 198 36.04 -0.14 4.31
N PHE B 199 35.49 0.05 5.49
CA PHE B 199 34.56 1.14 5.77
C PHE B 199 35.17 1.96 6.89
N SER B 200 35.50 3.22 6.62
CA SER B 200 36.02 4.13 7.61
C SER B 200 35.00 5.26 7.87
N SER B 201 35.16 5.95 8.96
CA SER B 201 34.19 6.95 9.40
C SER B 201 34.50 8.28 8.76
N PHE B 202 33.48 8.93 8.21
CA PHE B 202 33.69 10.21 7.53
C PHE B 202 33.35 11.47 8.33
N TYR B 203 32.44 11.35 9.28
CA TYR B 203 31.87 12.53 9.94
C TYR B 203 31.86 12.41 11.47
N GLU B 204 32.18 13.53 12.10
CA GLU B 204 32.16 13.66 13.55
C GLU B 204 30.81 13.28 14.17
N ASN B 205 29.70 13.77 13.64
CA ASN B 205 28.39 13.55 14.29
C ASN B 205 27.85 12.12 14.12
N THR B 206 28.48 11.29 13.31
CA THR B 206 28.07 9.88 13.28
C THR B 206 29.21 8.94 13.64
N ASP B 207 30.33 9.49 14.09
CA ASP B 207 31.49 8.65 14.47
C ASP B 207 31.17 7.59 15.56
N GLY B 208 30.30 7.95 16.51
CA GLY B 208 29.81 7.01 17.54
C GLY B 208 29.12 5.79 16.98
N LEU B 209 28.28 6.03 15.99
CA LEU B 209 27.62 4.95 15.31
C LEU B 209 28.62 4.11 14.58
N HIS B 210 29.61 4.72 13.95
CA HIS B 210 30.67 3.97 13.26
C HIS B 210 31.48 3.13 14.24
N SER B 211 31.85 3.74 15.34
CA SER B 211 32.53 3.01 16.43
C SER B 211 31.69 1.83 16.90
N SER B 212 30.36 1.99 16.92
CA SER B 212 29.50 0.87 17.30
C SER B 212 29.55 -0.32 16.34
N LEU B 213 29.61 -0.04 15.04
CA LEU B 213 29.82 -1.08 14.03
C LEU B 213 31.16 -1.80 14.27
N VAL B 214 32.21 -1.03 14.56
CA VAL B 214 33.52 -1.61 14.91
C VAL B 214 33.37 -2.60 16.07
N GLN B 215 32.68 -2.18 17.12
CA GLN B 215 32.52 -3.01 18.30
C GLN B 215 31.62 -4.22 18.06
N ILE B 216 30.55 -4.05 17.26
CA ILE B 216 29.68 -5.18 16.97
C ILE B 216 30.44 -6.23 16.15
N GLU B 217 31.25 -5.80 15.20
CA GLU B 217 32.04 -6.70 14.40
C GLU B 217 32.99 -7.53 15.30
N LYS B 218 33.67 -6.84 16.21
CA LYS B 218 34.58 -7.50 17.15
C LYS B 218 33.89 -8.56 17.96
N SER B 219 32.70 -8.21 18.46
CA SER B 219 31.85 -9.09 19.28
C SER B 219 31.39 -10.35 18.52
N LEU B 220 30.87 -10.16 17.31
CA LEU B 220 30.48 -11.32 16.50
C LEU B 220 31.72 -12.16 16.15
N ARG B 221 32.87 -11.51 15.92
CA ARG B 221 34.09 -12.22 15.60
C ARG B 221 34.49 -13.15 16.77
N THR B 222 34.48 -12.60 17.97
CA THR B 222 34.86 -13.35 19.16
C THR B 222 33.82 -14.45 19.44
N ALA B 223 32.56 -14.22 19.06
CA ALA B 223 31.52 -15.24 19.20
C ALA B 223 31.58 -16.34 18.12
N GLY B 224 32.54 -16.24 17.20
CA GLY B 224 32.70 -17.21 16.12
C GLY B 224 31.73 -17.08 14.96
N GLN B 225 31.02 -15.94 14.88
CA GLN B 225 29.90 -15.82 13.91
C GLN B 225 30.26 -15.19 12.54
N LEU B 226 31.52 -14.82 12.36
CA LEU B 226 31.99 -14.25 11.11
C LEU B 226 32.92 -15.20 10.39
N GLU B 227 32.97 -15.06 9.07
CA GLU B 227 33.86 -15.86 8.23
C GLU B 227 35.16 -15.14 8.05
N GLY B 228 36.26 -15.87 8.23
CA GLY B 228 37.59 -15.29 8.12
C GLY B 228 37.96 -14.33 9.24
N ASN B 229 39.06 -13.63 9.01
CA ASN B 229 39.68 -12.82 10.04
C ASN B 229 39.93 -11.35 9.63
N ASN B 230 39.46 -10.94 8.45
CA ASN B 230 39.64 -9.56 7.99
C ASN B 230 38.64 -8.61 8.64
N ASN B 231 39.13 -7.49 9.15
CA ASN B 231 38.29 -6.44 9.73
C ASN B 231 37.69 -5.59 8.62
N MET B 232 36.38 -5.47 8.53
CA MET B 232 35.83 -4.54 7.49
C MET B 232 35.45 -3.15 8.03
N PHE B 233 35.06 -3.05 9.30
CA PHE B 233 34.81 -1.74 9.89
C PHE B 233 36.04 -1.24 10.65
N LEU B 234 36.63 -0.17 10.12
CA LEU B 234 37.90 0.32 10.65
C LEU B 234 37.74 1.48 11.63
N SER B 235 38.72 1.64 12.51
CA SER B 235 38.84 2.79 13.41
CA SER B 235 38.80 2.82 13.39
C SER B 235 39.65 3.91 12.75
N ARG B 236 40.42 3.54 11.74
CA ARG B 236 41.25 4.45 10.99
C ARG B 236 40.42 5.31 10.07
N VAL B 237 40.61 6.61 10.17
CA VAL B 237 40.01 7.60 9.33
C VAL B 237 40.99 7.86 8.19
N SER B 238 40.48 7.84 6.97
CA SER B 238 41.31 8.03 5.75
C SER B 238 41.62 9.49 5.41
N GLY B 239 40.68 10.38 5.67
CA GLY B 239 40.80 11.77 5.27
C GLY B 239 40.23 12.08 3.89
N GLY B 240 39.66 11.10 3.20
CA GLY B 240 38.95 11.35 1.93
C GLY B 240 37.44 11.42 2.16
N LEU B 241 36.70 12.04 1.21
CA LEU B 241 35.24 12.10 1.26
C LEU B 241 34.77 11.57 -0.11
N VAL B 242 33.61 10.94 -0.13
CA VAL B 242 33.05 10.37 -1.36
C VAL B 242 31.68 11.01 -1.62
N ASP B 243 31.54 11.71 -2.74
CA ASP B 243 30.25 12.33 -3.12
C ASP B 243 29.23 11.26 -3.49
N ASP B 244 27.97 11.44 -3.08
CA ASP B 244 26.94 10.42 -3.21
C ASP B 244 25.55 10.98 -2.86
N ASP B 245 24.55 10.11 -2.83
CA ASP B 245 23.18 10.44 -2.52
C ASP B 245 22.99 11.20 -1.19
N HIS B 246 23.91 11.05 -0.24
CA HIS B 246 23.79 11.82 1.02
C HIS B 246 23.97 13.31 0.87
N ARG B 247 24.62 13.77 -0.19
CA ARG B 247 24.90 15.21 -0.37
C ARG B 247 23.72 16.19 -0.09
N PRO B 248 22.58 15.97 -0.75
CA PRO B 248 21.41 16.83 -0.47
C PRO B 248 20.88 16.74 0.98
N PHE B 249 21.11 15.62 1.66
CA PHE B 249 20.74 15.46 3.07
C PHE B 249 21.72 16.16 4.03
N LEU B 250 23.00 16.06 3.71
CA LEU B 250 24.06 16.74 4.46
C LEU B 250 23.79 18.27 4.42
N ASP B 251 23.41 18.79 3.24
CA ASP B 251 23.07 20.18 3.06
C ASP B 251 21.94 20.68 3.98
N GLU B 252 21.06 19.78 4.40
CA GLU B 252 20.00 20.10 5.35
C GLU B 252 20.32 19.73 6.83
N ASN B 253 21.60 19.54 7.09
CA ASN B 253 22.15 19.14 8.41
C ASN B 253 21.70 17.77 8.92
N VAL B 254 21.35 16.85 8.02
CA VAL B 254 20.98 15.50 8.45
C VAL B 254 22.30 14.77 8.75
N PRO B 255 22.44 14.15 9.94
CA PRO B 255 23.64 13.30 10.13
C PRO B 255 23.68 12.13 9.13
N VAL B 256 24.87 11.88 8.61
CA VAL B 256 25.11 10.83 7.63
C VAL B 256 26.22 9.88 8.12
N LEU B 257 25.91 8.57 8.08
CA LEU B 257 26.87 7.49 8.22
C LEU B 257 27.00 6.86 6.81
N HIS B 258 28.08 7.19 6.13
CA HIS B 258 28.28 6.74 4.76
C HIS B 258 29.04 5.43 4.67
N LEU B 259 28.32 4.33 4.55
CA LEU B 259 28.91 3.05 4.44
C LEU B 259 29.21 2.72 2.97
N VAL B 260 30.22 3.43 2.41
CA VAL B 260 30.79 3.18 1.08
C VAL B 260 32.19 2.57 1.24
N ALA B 261 32.47 1.50 0.52
CA ALA B 261 33.77 0.86 0.59
C ALA B 261 34.85 1.76 -0.05
N THR B 262 35.93 1.97 0.68
CA THR B 262 37.07 2.74 0.19
C THR B 262 38.37 1.96 0.51
N PRO B 263 39.21 1.72 -0.49
CA PRO B 263 39.03 2.09 -1.88
C PRO B 263 37.80 1.44 -2.54
N PHE B 264 37.31 2.07 -3.59
CA PHE B 264 36.26 1.49 -4.43
C PHE B 264 36.72 0.08 -4.92
N PRO B 265 35.79 -0.86 -5.08
CA PRO B 265 36.28 -2.07 -5.79
C PRO B 265 36.87 -1.74 -7.19
N ASP B 266 37.89 -2.46 -7.65
CA ASP B 266 38.49 -2.13 -8.95
C ASP B 266 37.55 -2.42 -10.14
N VAL B 267 36.48 -3.17 -9.89
CA VAL B 267 35.39 -3.39 -10.87
C VAL B 267 34.56 -2.12 -11.15
N TRP B 268 34.63 -1.10 -10.27
CA TRP B 268 33.73 0.07 -10.34
C TRP B 268 33.58 0.75 -11.70
N HIS B 269 32.34 0.85 -12.20
CA HIS B 269 32.05 1.53 -13.47
C HIS B 269 32.82 0.89 -14.65
N THR B 270 32.91 -0.43 -14.60
CA THR B 270 33.42 -1.29 -15.66
C THR B 270 32.44 -2.44 -15.83
N PRO B 271 32.50 -3.15 -16.98
CA PRO B 271 31.60 -4.29 -17.13
C PRO B 271 31.86 -5.44 -16.17
N ARG B 272 33.01 -5.47 -15.52
CA ARG B 272 33.32 -6.45 -14.50
C ARG B 272 32.54 -6.26 -13.16
N ASP B 273 31.82 -5.14 -12.99
CA ASP B 273 30.93 -5.03 -11.80
C ASP B 273 29.66 -5.88 -11.97
N ASN B 274 29.83 -7.18 -11.80
CA ASN B 274 28.82 -8.15 -12.10
C ASN B 274 28.71 -9.17 -11.00
N ALA B 275 27.80 -10.14 -11.12
CA ALA B 275 27.62 -11.13 -10.06
C ALA B 275 28.86 -12.00 -9.84
N ALA B 276 29.56 -12.31 -10.92
CA ALA B 276 30.71 -13.23 -10.90
C ALA B 276 31.81 -12.71 -10.02
N ASN B 277 31.95 -11.39 -9.95
CA ASN B 277 32.96 -10.74 -9.11
C ASN B 277 32.56 -10.38 -7.68
N LEU B 278 31.36 -10.75 -7.27
CA LEU B 278 30.93 -10.56 -5.90
C LEU B 278 31.63 -11.61 -5.03
N HIS B 279 31.84 -11.25 -3.77
CA HIS B 279 32.42 -12.10 -2.73
C HIS B 279 31.43 -12.32 -1.63
N TRP B 280 30.77 -13.49 -1.66
CA TRP B 280 29.73 -13.84 -0.72
C TRP B 280 30.10 -13.88 0.74
N PRO B 281 31.31 -14.37 1.10
CA PRO B 281 31.67 -14.29 2.52
C PRO B 281 31.70 -12.86 3.07
N SER B 282 32.17 -11.93 2.25
CA SER B 282 32.18 -10.51 2.62
C SER B 282 30.74 -9.98 2.76
N ILE B 283 29.87 -10.31 1.80
CA ILE B 283 28.45 -9.93 1.90
C ILE B 283 27.86 -10.48 3.17
N ARG B 284 28.13 -11.77 3.44
CA ARG B 284 27.59 -12.41 4.61
C ARG B 284 28.02 -11.73 5.92
N ASN B 285 29.30 -11.41 6.03
CA ASN B 285 29.81 -10.73 7.22
C ASN B 285 29.21 -9.35 7.42
N PHE B 286 29.13 -8.61 6.33
CA PHE B 286 28.47 -7.31 6.35
C PHE B 286 27.04 -7.42 6.88
N ASN B 287 26.25 -8.36 6.37
CA ASN B 287 24.85 -8.49 6.82
C ASN B 287 24.68 -8.86 8.29
N ARG B 288 25.58 -9.73 8.78
CA ARG B 288 25.61 -10.08 10.21
C ARG B 288 25.92 -8.84 11.07
N VAL B 289 26.96 -8.09 10.73
CA VAL B 289 27.18 -6.88 11.51
C VAL B 289 25.98 -5.89 11.41
N PHE B 290 25.55 -5.68 10.18
CA PHE B 290 24.61 -4.61 9.87
C PHE B 290 23.26 -4.87 10.46
N ARG B 291 22.74 -6.10 10.43
CA ARG B 291 21.39 -6.36 10.96
C ARG B 291 21.36 -6.19 12.49
N ASN B 292 22.48 -6.53 13.13
CA ASN B 292 22.58 -6.33 14.56
C ASN B 292 22.65 -4.84 14.95
N PHE B 293 23.42 -4.07 14.20
CA PHE B 293 23.47 -2.60 14.32
C PHE B 293 22.07 -2.00 14.20
N VAL B 294 21.32 -2.44 13.18
CA VAL B 294 19.97 -1.91 12.96
C VAL B 294 19.02 -2.31 14.10
N TYR B 295 18.99 -3.59 14.46
CA TYR B 295 18.21 -4.05 15.59
C TYR B 295 18.49 -3.24 16.88
N GLN B 296 19.76 -3.10 17.23
CA GLN B 296 20.15 -2.45 18.47
C GLN B 296 19.79 -0.97 18.45
N TYR B 297 19.98 -0.34 17.31
CA TYR B 297 19.62 1.07 17.14
C TYR B 297 18.17 1.33 17.51
N LEU B 298 17.30 0.45 17.04
CA LEU B 298 15.87 0.57 17.22
C LEU B 298 15.44 0.05 18.60
N LYS B 299 15.80 -1.20 18.90
CA LYS B 299 15.41 -1.85 20.14
C LYS B 299 15.78 -0.99 21.33
N ARG B 300 16.99 -0.44 21.33
CA ARG B 300 17.45 0.34 22.48
C ARG B 300 17.47 1.83 22.18
N HIS B 301 16.54 2.29 21.35
CA HIS B 301 16.51 3.69 20.95
C HIS B 301 16.39 4.64 22.13
N THR B 302 15.69 4.25 23.19
CA THR B 302 15.60 5.13 24.39
C THR B 302 16.96 5.33 25.11
N SER B 303 17.94 4.46 24.85
CA SER B 303 19.30 4.65 25.41
C SER B 303 20.13 5.66 24.58
N PRO B 304 20.93 6.48 25.26
CA PRO B 304 21.83 7.40 24.54
C PRO B 304 22.70 6.68 23.49
N VAL B 305 22.97 7.35 22.38
CA VAL B 305 23.63 6.70 21.23
C VAL B 305 24.89 5.94 21.60
N ASN B 306 25.76 6.57 22.37
CA ASN B 306 27.05 5.98 22.73
C ASN B 306 26.95 4.85 23.77
N LEU B 307 25.76 4.58 24.31
CA LEU B 307 25.52 3.46 25.25
C LEU B 307 24.58 2.40 24.69
N ARG B 308 24.17 2.56 23.44
CA ARG B 308 23.06 1.78 22.90
C ARG B 308 23.41 0.36 22.45
N PHE B 309 24.64 0.19 22.01
CA PHE B 309 25.05 -0.99 21.23
C PHE B 309 25.96 -1.90 22.06
N TYR B 310 26.12 -3.15 21.60
CA TYR B 310 26.86 -4.16 22.35
C TYR B 310 27.28 -5.33 21.45
#